data_3VTF
#
_entry.id   3VTF
#
_cell.length_a   117.652
_cell.length_b   76.739
_cell.length_c   75.551
_cell.angle_alpha   90.000
_cell.angle_beta   125.800
_cell.angle_gamma   90.000
#
_symmetry.space_group_name_H-M   'C 1 2 1'
#
loop_
_entity.id
_entity.type
_entity.pdbx_description
1 polymer 'UDP-glucose 6-dehydrogenase'
2 non-polymer "URIDINE-5'-DIPHOSPHATE-GLUCOSE"
3 non-polymer 1,2-ETHANEDIOL
4 water water
#
_entity_poly.entity_id   1
_entity_poly.type   'polypeptide(L)'
_entity_poly.pdbx_seq_one_letter_code
;MGSSHHHHHHSSGLVPRGSHMASLSVLGLGYVGVVHAVGFALLGHRVVGYDVNPSIVERLRAGRPHIYEPGLEEALGRAL
SSGRLSFAESAEEAVAATDATFIAVGTPPAPDGSADLRYVEAAARAVGRGIRAKGRWHLVVVKSTVPPGTTEGLVARAVA
EEAGGVKFSVASNPEFLREGSALEDFFKPDRIVIGAGDERAASFLLDVYKAVDAPKLVMKPREAELVKYASNVFLALKIS
FANEVGLLAKRLGVDTYRVFEAVGLDKRIGRHYFGAGLGFGGSCFPKDTLAFIRFGESLGLEMAISKAVLRVNEYMPRYA
VQLLEERLGGLRGRHVGVLGLAFKPNTDDVRESRGVEVARLLLERGARVYVHDPMAMEKARAVLGDSVTYVEDPQALLDQ
VEGVIIATAWPQYEGLDYRGKVVVDGRYVKKAREAKIYEGVAWA
;
_entity_poly.pdbx_strand_id   A
#
# COMPACT_ATOMS: atom_id res chain seq x y z
N GLY A 13 -11.87 -31.13 -1.78
CA GLY A 13 -11.38 -32.53 -1.81
C GLY A 13 -10.33 -32.70 -2.93
N LEU A 14 -10.62 -33.62 -3.85
CA LEU A 14 -9.63 -34.15 -4.78
C LEU A 14 -9.51 -33.23 -5.99
N VAL A 15 -8.41 -33.34 -6.71
CA VAL A 15 -8.14 -32.48 -7.88
C VAL A 15 -8.71 -33.26 -9.10
N PRO A 16 -9.53 -32.63 -9.93
CA PRO A 16 -10.02 -33.29 -11.14
C PRO A 16 -8.89 -33.58 -12.13
N ARG A 17 -9.02 -34.65 -12.89
CA ARG A 17 -8.03 -35.06 -13.87
C ARG A 17 -7.84 -34.00 -14.93
N GLY A 18 -6.62 -33.81 -15.41
CA GLY A 18 -6.38 -32.85 -16.46
C GLY A 18 -6.45 -31.41 -15.97
N SER A 19 -6.39 -31.23 -14.66
CA SER A 19 -6.38 -29.90 -14.06
C SER A 19 -4.99 -29.30 -14.24
N HIS A 20 -4.92 -28.37 -15.19
CA HIS A 20 -3.69 -27.78 -15.67
C HIS A 20 -2.93 -27.02 -14.64
N MET A 21 -1.62 -27.23 -14.62
CA MET A 21 -0.72 -26.46 -13.81
C MET A 21 -0.22 -25.34 -14.72
N ALA A 22 -0.54 -24.10 -14.39
CA ALA A 22 -0.05 -22.97 -15.17
C ALA A 22 1.41 -22.65 -14.90
N SER A 23 2.09 -22.07 -15.87
CA SER A 23 3.48 -21.57 -15.71
C SER A 23 3.44 -20.07 -15.79
N LEU A 24 3.74 -19.43 -14.67
CA LEU A 24 3.52 -17.99 -14.50
C LEU A 24 4.81 -17.37 -14.08
N SER A 25 5.05 -16.20 -14.61
CA SER A 25 6.18 -15.40 -14.11
C SER A 25 5.67 -14.13 -13.42
N VAL A 26 6.45 -13.59 -12.51
CA VAL A 26 6.13 -12.31 -11.87
C VAL A 26 7.35 -11.40 -11.96
N LEU A 27 7.16 -10.17 -12.48
CA LEU A 27 8.27 -9.17 -12.55
C LEU A 27 7.97 -8.07 -11.56
N GLY A 28 8.89 -7.89 -10.60
CA GLY A 28 8.71 -6.87 -9.60
C GLY A 28 8.33 -7.60 -8.33
N LEU A 29 9.22 -7.57 -7.37
CA LEU A 29 9.00 -8.36 -6.16
C LEU A 29 8.92 -7.47 -4.93
N GLY A 30 8.13 -6.36 -4.98
CA GLY A 30 7.72 -5.62 -3.79
C GLY A 30 6.70 -6.51 -3.06
N TYR A 31 5.96 -5.95 -2.12
CA TYR A 31 5.07 -6.84 -1.42
C TYR A 31 3.97 -7.47 -2.33
N VAL A 32 3.48 -6.73 -3.29
CA VAL A 32 2.48 -7.31 -4.26
C VAL A 32 3.10 -8.47 -5.07
N GLY A 33 4.22 -8.22 -5.70
CA GLY A 33 4.87 -9.23 -6.55
C GLY A 33 5.25 -10.46 -5.73
N VAL A 34 5.89 -10.27 -4.56
CA VAL A 34 6.40 -11.46 -3.82
C VAL A 34 5.25 -12.25 -3.20
N VAL A 35 4.15 -11.57 -2.83
CA VAL A 35 3.00 -12.30 -2.30
C VAL A 35 2.30 -13.07 -3.45
N HIS A 36 2.25 -12.46 -4.63
CA HIS A 36 1.64 -13.25 -5.74
C HIS A 36 2.51 -14.41 -6.15
N ALA A 37 3.81 -14.17 -6.17
CA ALA A 37 4.72 -15.27 -6.61
C ALA A 37 4.60 -16.45 -5.66
N VAL A 38 4.69 -16.17 -4.37
CA VAL A 38 4.51 -17.22 -3.35
C VAL A 38 3.13 -17.85 -3.32
N GLY A 39 2.12 -17.00 -3.41
CA GLY A 39 0.75 -17.49 -3.37
C GLY A 39 0.38 -18.36 -4.59
N PHE A 40 0.81 -17.94 -5.80
CA PHE A 40 0.46 -18.72 -6.96
C PHE A 40 1.16 -20.09 -6.84
N ALA A 41 2.42 -20.10 -6.37
CA ALA A 41 3.11 -21.40 -6.19
C ALA A 41 2.35 -22.28 -5.20
N LEU A 42 1.81 -21.68 -4.13
CA LEU A 42 1.11 -22.46 -3.13
C LEU A 42 -0.24 -22.85 -3.61
N LEU A 43 -0.84 -22.09 -4.56
CA LEU A 43 -2.09 -22.54 -5.18
C LEU A 43 -1.88 -23.73 -6.09
N GLY A 44 -0.65 -24.01 -6.52
CA GLY A 44 -0.48 -25.20 -7.37
C GLY A 44 0.14 -24.84 -8.75
N HIS A 45 0.64 -23.62 -8.94
CA HIS A 45 1.25 -23.21 -10.22
C HIS A 45 2.72 -23.24 -10.12
N ARG A 46 3.36 -23.30 -11.26
CA ARG A 46 4.79 -23.18 -11.39
C ARG A 46 5.07 -21.73 -11.64
N VAL A 47 5.93 -21.17 -10.80
CA VAL A 47 6.15 -19.72 -10.81
C VAL A 47 7.63 -19.40 -10.93
N VAL A 48 7.94 -18.43 -11.77
CA VAL A 48 9.29 -17.93 -11.88
C VAL A 48 9.28 -16.42 -11.62
N GLY A 49 9.96 -15.97 -10.57
CA GLY A 49 9.97 -14.56 -10.23
C GLY A 49 11.25 -13.87 -10.65
N TYR A 50 11.19 -12.55 -10.71
CA TYR A 50 12.40 -11.76 -11.01
C TYR A 50 12.19 -10.40 -10.45
N ASP A 51 13.26 -9.76 -9.98
CA ASP A 51 13.24 -8.37 -9.60
C ASP A 51 14.51 -7.68 -10.07
N VAL A 52 14.42 -6.39 -10.34
CA VAL A 52 15.61 -5.62 -10.79
C VAL A 52 16.75 -5.69 -9.73
N ASN A 53 16.42 -5.92 -8.46
CA ASN A 53 17.47 -5.86 -7.42
C ASN A 53 18.01 -7.27 -7.12
N PRO A 54 19.28 -7.59 -7.50
CA PRO A 54 19.75 -8.95 -7.38
C PRO A 54 19.78 -9.39 -5.90
N SER A 55 19.96 -8.43 -4.97
CA SER A 55 19.99 -8.85 -3.54
C SER A 55 18.60 -9.31 -3.06
N ILE A 56 17.54 -8.77 -3.67
CA ILE A 56 16.20 -9.29 -3.34
C ILE A 56 16.10 -10.70 -3.81
N VAL A 57 16.49 -10.98 -5.07
CA VAL A 57 16.38 -12.34 -5.57
C VAL A 57 17.20 -13.35 -4.70
N GLU A 58 18.43 -12.96 -4.34
CA GLU A 58 19.33 -13.79 -3.56
C GLU A 58 18.74 -14.11 -2.20
N ARG A 59 18.17 -13.11 -1.55
CA ARG A 59 17.51 -13.31 -0.27
C ARG A 59 16.30 -14.21 -0.35
N LEU A 60 15.47 -13.99 -1.36
CA LEU A 60 14.26 -14.78 -1.57
C LEU A 60 14.58 -16.25 -1.89
N ARG A 61 15.63 -16.47 -2.68
CA ARG A 61 16.07 -17.83 -2.94
C ARG A 61 16.49 -18.51 -1.64
N ALA A 62 16.97 -17.70 -0.70
CA ALA A 62 17.49 -18.25 0.57
C ALA A 62 16.32 -18.38 1.55
N GLY A 63 15.11 -18.05 1.13
CA GLY A 63 14.01 -18.15 2.06
C GLY A 63 13.96 -16.99 3.06
N ARG A 64 14.64 -15.88 2.80
CA ARG A 64 14.64 -14.75 3.74
C ARG A 64 13.94 -13.50 3.21
N PRO A 65 12.68 -13.27 3.62
CA PRO A 65 11.98 -12.15 3.01
C PRO A 65 12.81 -10.85 3.16
N HIS A 66 12.83 -9.98 2.15
CA HIS A 66 13.50 -8.66 2.27
C HIS A 66 12.57 -7.63 2.84
N ILE A 67 11.37 -8.01 3.21
CA ILE A 67 10.36 -7.02 3.65
C ILE A 67 9.58 -7.70 4.71
N TYR A 68 8.95 -6.95 5.60
CA TYR A 68 8.23 -7.60 6.65
C TYR A 68 6.78 -7.74 6.29
N GLU A 69 6.25 -8.96 6.33
CA GLU A 69 4.83 -9.16 6.05
C GLU A 69 4.42 -10.41 6.83
N PRO A 70 3.40 -10.30 7.68
CA PRO A 70 3.03 -11.37 8.60
C PRO A 70 2.80 -12.70 7.87
N GLY A 71 3.54 -13.75 8.28
CA GLY A 71 3.37 -15.09 7.66
C GLY A 71 4.14 -15.30 6.34
N LEU A 72 4.87 -14.28 5.84
CA LEU A 72 5.54 -14.42 4.59
C LEU A 72 6.74 -15.34 4.65
N GLU A 73 7.52 -15.26 5.73
CA GLU A 73 8.68 -16.09 5.76
C GLU A 73 8.30 -17.56 5.69
N GLU A 74 7.24 -17.97 6.41
CA GLU A 74 6.76 -19.34 6.33
C GLU A 74 6.08 -19.72 5.01
N ALA A 75 5.26 -18.82 4.42
CA ALA A 75 4.69 -19.11 3.09
C ALA A 75 5.81 -19.27 2.04
N LEU A 76 6.83 -18.41 2.14
CA LEU A 76 7.91 -18.47 1.17
C LEU A 76 8.64 -19.86 1.29
N GLY A 77 8.93 -20.28 2.52
CA GLY A 77 9.71 -21.54 2.75
C GLY A 77 8.89 -22.67 2.20
N ARG A 78 7.56 -22.67 2.47
CA ARG A 78 6.65 -23.67 1.86
C ARG A 78 6.63 -23.65 0.33
N ALA A 79 6.56 -22.47 -0.28
CA ALA A 79 6.56 -22.40 -1.75
C ALA A 79 7.88 -22.91 -2.37
N LEU A 80 8.98 -22.56 -1.74
CA LEU A 80 10.32 -23.04 -2.15
C LEU A 80 10.44 -24.59 -1.99
N SER A 81 10.10 -25.12 -0.82
CA SER A 81 10.00 -26.62 -0.63
C SER A 81 9.18 -27.36 -1.66
N SER A 82 8.07 -26.78 -2.11
CA SER A 82 7.27 -27.45 -3.12
C SER A 82 8.06 -27.70 -4.40
N GLY A 83 9.19 -27.04 -4.61
CA GLY A 83 9.83 -27.08 -5.89
C GLY A 83 9.13 -26.23 -6.97
N ARG A 84 7.97 -25.62 -6.65
CA ARG A 84 7.21 -24.87 -7.68
C ARG A 84 7.63 -23.40 -7.89
N LEU A 85 8.40 -22.83 -6.97
CA LEU A 85 8.84 -21.44 -7.06
C LEU A 85 10.30 -21.34 -7.32
N SER A 86 10.72 -20.58 -8.33
CA SER A 86 12.14 -20.35 -8.54
C SER A 86 12.32 -18.92 -8.96
N PHE A 87 13.57 -18.49 -9.07
CA PHE A 87 13.81 -17.13 -9.55
C PHE A 87 14.78 -17.08 -10.71
N ALA A 88 14.56 -16.17 -11.69
CA ALA A 88 15.36 -16.21 -12.94
C ALA A 88 16.55 -15.28 -12.79
N GLU A 89 17.52 -15.41 -13.71
CA GLU A 89 18.66 -14.49 -13.77
C GLU A 89 18.33 -13.26 -14.56
N SER A 90 17.20 -13.26 -15.31
CA SER A 90 16.84 -12.01 -16.00
C SER A 90 15.31 -11.99 -16.23
N ALA A 91 14.77 -10.81 -16.44
CA ALA A 91 13.29 -10.70 -16.71
C ALA A 91 12.96 -11.54 -17.91
N GLU A 92 13.78 -11.41 -18.96
CA GLU A 92 13.48 -12.13 -20.24
C GLU A 92 13.46 -13.62 -20.09
N GLU A 93 14.38 -14.16 -19.29
CA GLU A 93 14.36 -15.62 -19.09
C GLU A 93 13.14 -16.04 -18.27
N ALA A 94 12.71 -15.23 -17.27
CA ALA A 94 11.47 -15.58 -16.50
C ALA A 94 10.29 -15.69 -17.46
N VAL A 95 10.17 -14.66 -18.30
CA VAL A 95 9.09 -14.63 -19.30
C VAL A 95 9.15 -15.86 -20.23
N ALA A 96 10.34 -16.14 -20.78
CA ALA A 96 10.42 -17.16 -21.88
C ALA A 96 10.11 -18.52 -21.33
N ALA A 97 10.24 -18.70 -20.01
CA ALA A 97 10.06 -19.99 -19.40
C ALA A 97 8.56 -20.20 -18.95
N THR A 98 7.70 -19.21 -19.17
CA THR A 98 6.33 -19.30 -18.66
C THR A 98 5.29 -18.97 -19.77
N ASP A 99 4.00 -18.96 -19.44
CA ASP A 99 2.96 -18.64 -20.41
C ASP A 99 2.21 -17.35 -20.10
N ALA A 100 2.32 -16.86 -18.85
CA ALA A 100 1.79 -15.52 -18.54
C ALA A 100 2.69 -14.82 -17.55
N THR A 101 2.84 -13.49 -17.68
CA THR A 101 3.76 -12.74 -16.80
C THR A 101 2.91 -11.66 -16.09
N PHE A 102 2.92 -11.68 -14.75
CA PHE A 102 2.31 -10.60 -13.97
C PHE A 102 3.30 -9.45 -13.79
N ILE A 103 2.94 -8.27 -14.30
CA ILE A 103 3.83 -7.14 -14.07
C ILE A 103 3.38 -6.51 -12.79
N ALA A 104 4.31 -6.42 -11.83
CA ALA A 104 3.96 -5.90 -10.50
C ALA A 104 4.96 -4.88 -10.04
N VAL A 105 5.62 -4.16 -10.98
CA VAL A 105 6.62 -3.15 -10.58
C VAL A 105 5.91 -1.88 -10.10
N GLY A 106 6.68 -0.99 -9.46
CA GLY A 106 6.02 0.20 -8.87
C GLY A 106 5.50 1.23 -9.88
N THR A 107 4.56 2.06 -9.45
CA THR A 107 4.11 3.19 -10.25
C THR A 107 4.16 4.40 -9.26
N PRO A 108 5.39 4.84 -8.89
CA PRO A 108 5.48 6.03 -8.03
C PRO A 108 5.01 7.31 -8.65
N PRO A 109 4.81 8.37 -7.84
CA PRO A 109 4.37 9.64 -8.45
C PRO A 109 5.49 10.17 -9.36
N ALA A 110 5.13 10.71 -10.52
CA ALA A 110 6.10 11.54 -11.32
C ALA A 110 6.23 12.95 -10.65
N PRO A 111 7.17 13.77 -11.16
CA PRO A 111 7.37 15.10 -10.55
C PRO A 111 6.09 15.91 -10.58
N ASP A 112 5.25 15.80 -11.59
CA ASP A 112 4.03 16.61 -11.57
C ASP A 112 2.82 15.87 -10.87
N GLY A 113 3.12 14.82 -10.10
CA GLY A 113 2.08 13.98 -9.40
C GLY A 113 1.36 12.90 -10.24
N SER A 114 1.47 12.94 -11.57
CA SER A 114 0.86 11.87 -12.41
C SER A 114 1.59 10.53 -12.16
N ALA A 115 0.99 9.45 -12.62
CA ALA A 115 1.66 8.17 -12.45
C ALA A 115 2.97 8.13 -13.31
N ASP A 116 4.06 7.71 -12.72
CA ASP A 116 5.34 7.46 -13.42
C ASP A 116 5.18 6.04 -13.98
N LEU A 117 5.11 5.92 -15.29
CA LEU A 117 4.96 4.61 -15.95
C LEU A 117 6.24 3.99 -16.57
N ARG A 118 7.37 4.58 -16.24
CA ARG A 118 8.65 4.05 -16.79
C ARG A 118 8.98 2.65 -16.33
N TYR A 119 8.69 2.29 -15.05
CA TYR A 119 8.98 0.92 -14.57
C TYR A 119 8.11 -0.11 -15.29
N VAL A 120 6.81 0.21 -15.43
CA VAL A 120 5.89 -0.67 -16.18
C VAL A 120 6.34 -0.78 -17.68
N GLU A 121 6.75 0.35 -18.27
CA GLU A 121 7.14 0.28 -19.70
C GLU A 121 8.37 -0.62 -19.89
N ALA A 122 9.35 -0.51 -19.02
CA ALA A 122 10.57 -1.38 -19.11
C ALA A 122 10.23 -2.80 -18.87
N ALA A 123 9.26 -3.08 -17.95
CA ALA A 123 8.95 -4.46 -17.70
C ALA A 123 8.20 -5.00 -18.94
N ALA A 124 7.35 -4.17 -19.57
CA ALA A 124 6.55 -4.66 -20.73
C ALA A 124 7.58 -4.98 -21.89
N ARG A 125 8.61 -4.15 -22.01
CA ARG A 125 9.60 -4.39 -23.13
C ARG A 125 10.32 -5.69 -22.83
N ALA A 126 10.62 -5.94 -21.53
CA ALA A 126 11.24 -7.23 -21.21
C ALA A 126 10.36 -8.40 -21.52
N VAL A 127 9.06 -8.24 -21.26
CA VAL A 127 8.11 -9.23 -21.59
C VAL A 127 8.14 -9.46 -23.09
N GLY A 128 8.11 -8.36 -23.86
CA GLY A 128 8.15 -8.49 -25.35
C GLY A 128 9.41 -9.30 -25.81
N ARG A 129 10.55 -9.01 -25.22
CA ARG A 129 11.80 -9.79 -25.57
C ARG A 129 11.69 -11.26 -25.19
N GLY A 130 11.04 -11.55 -24.05
CA GLY A 130 10.94 -12.97 -23.65
C GLY A 130 9.99 -13.68 -24.58
N ILE A 131 8.92 -12.99 -25.01
CA ILE A 131 7.96 -13.58 -25.88
C ILE A 131 8.64 -13.89 -27.23
N ARG A 132 9.42 -12.92 -27.71
CA ARG A 132 10.10 -13.07 -29.01
C ARG A 132 10.99 -14.35 -28.99
N ALA A 133 11.73 -14.52 -27.88
CA ALA A 133 12.59 -15.72 -27.67
C ALA A 133 11.72 -16.94 -27.55
N LYS A 134 10.57 -16.85 -26.87
CA LYS A 134 9.72 -18.07 -26.69
C LYS A 134 9.14 -18.53 -28.03
N GLY A 135 8.78 -17.57 -28.88
CA GLY A 135 8.14 -17.90 -30.15
C GLY A 135 6.70 -18.36 -30.11
N ARG A 136 6.00 -18.26 -28.97
CA ARG A 136 4.55 -18.59 -29.07
C ARG A 136 3.73 -17.73 -28.12
N TRP A 137 2.42 -17.85 -28.20
CA TRP A 137 1.50 -16.96 -27.51
C TRP A 137 1.84 -16.90 -26.05
N HIS A 138 1.63 -15.71 -25.48
CA HIS A 138 1.88 -15.44 -24.05
C HIS A 138 0.82 -14.45 -23.57
N LEU A 139 0.54 -14.45 -22.25
CA LEU A 139 -0.36 -13.46 -21.69
C LEU A 139 0.38 -12.45 -20.84
N VAL A 140 0.14 -11.17 -21.09
CA VAL A 140 0.83 -10.15 -20.28
C VAL A 140 -0.23 -9.58 -19.30
N VAL A 141 0.03 -9.69 -17.99
CA VAL A 141 -1.01 -9.27 -17.03
C VAL A 141 -0.46 -8.11 -16.21
N VAL A 142 -1.21 -7.01 -16.15
CA VAL A 142 -0.72 -5.86 -15.43
C VAL A 142 -1.35 -5.88 -14.00
N LYS A 143 -0.52 -6.09 -12.97
CA LYS A 143 -1.01 -6.00 -11.55
C LYS A 143 -0.73 -4.59 -10.99
N SER A 144 0.35 -3.94 -11.47
CA SER A 144 0.67 -2.55 -11.20
C SER A 144 -0.58 -1.66 -11.28
N THR A 145 -0.70 -0.67 -10.40
CA THR A 145 -1.69 0.34 -10.47
C THR A 145 -1.36 1.34 -11.54
N VAL A 146 -2.14 1.32 -12.63
CA VAL A 146 -1.80 2.10 -13.79
C VAL A 146 -3.07 2.82 -14.23
N PRO A 147 -2.92 4.01 -14.79
CA PRO A 147 -4.12 4.73 -15.25
C PRO A 147 -4.86 3.95 -16.35
N PRO A 148 -6.18 4.13 -16.45
CA PRO A 148 -6.97 3.40 -17.43
C PRO A 148 -6.47 3.67 -18.81
N GLY A 149 -6.33 2.63 -19.64
CA GLY A 149 -5.81 2.81 -21.00
C GLY A 149 -4.41 2.31 -21.04
N THR A 150 -3.72 2.13 -19.88
CA THR A 150 -2.28 1.76 -19.96
C THR A 150 -2.07 0.34 -20.50
N THR A 151 -2.95 -0.59 -20.14
CA THR A 151 -2.79 -2.02 -20.49
C THR A 151 -2.85 -2.23 -22.03
N GLU A 152 -3.89 -1.69 -22.66
CA GLU A 152 -4.06 -1.92 -24.09
C GLU A 152 -3.29 -0.87 -24.86
N GLY A 153 -2.86 0.20 -24.17
CA GLY A 153 -2.06 1.24 -24.85
C GLY A 153 -0.57 1.03 -24.70
N LEU A 154 0.03 1.75 -23.74
CA LEU A 154 1.45 1.66 -23.52
C LEU A 154 1.99 0.20 -23.44
N VAL A 155 1.38 -0.66 -22.58
CA VAL A 155 1.95 -2.01 -22.32
C VAL A 155 1.81 -2.87 -23.60
N ALA A 156 0.64 -2.91 -24.24
CA ALA A 156 0.50 -3.70 -25.48
C ALA A 156 1.45 -3.21 -26.54
N ARG A 157 1.66 -1.91 -26.57
CA ARG A 157 2.58 -1.35 -27.61
C ARG A 157 4.03 -1.68 -27.32
N ALA A 158 4.48 -1.49 -26.05
CA ALA A 158 5.80 -1.78 -25.72
C ALA A 158 6.15 -3.29 -25.89
N VAL A 159 5.25 -4.17 -25.48
CA VAL A 159 5.36 -5.60 -25.75
C VAL A 159 5.48 -5.86 -27.30
N ALA A 160 4.53 -5.36 -28.09
CA ALA A 160 4.54 -5.61 -29.56
C ALA A 160 5.83 -5.12 -30.19
N GLU A 161 6.35 -3.98 -29.71
CA GLU A 161 7.56 -3.42 -30.29
C GLU A 161 8.79 -4.33 -30.06
N GLU A 162 8.72 -5.30 -29.12
CA GLU A 162 9.87 -6.18 -28.88
C GLU A 162 9.62 -7.63 -29.22
N ALA A 163 8.36 -7.98 -29.50
CA ALA A 163 7.93 -9.37 -29.55
C ALA A 163 8.31 -10.00 -30.95
N GLY A 164 8.83 -9.22 -31.88
CA GLY A 164 9.22 -9.71 -33.23
C GLY A 164 8.06 -10.35 -33.98
N GLY A 165 6.84 -9.94 -33.69
CA GLY A 165 5.71 -10.50 -34.46
C GLY A 165 5.04 -11.69 -33.82
N VAL A 166 5.52 -12.10 -32.64
CA VAL A 166 4.82 -13.20 -31.94
C VAL A 166 3.52 -12.67 -31.34
N LYS A 167 2.41 -13.40 -31.53
CA LYS A 167 1.06 -13.00 -31.05
C LYS A 167 1.00 -13.13 -29.48
N PHE A 168 0.23 -12.24 -28.83
CA PHE A 168 0.10 -12.29 -27.37
C PHE A 168 -1.17 -11.63 -26.99
N SER A 169 -1.56 -11.78 -25.73
CA SER A 169 -2.77 -11.11 -25.23
C SER A 169 -2.41 -10.37 -23.96
N VAL A 170 -3.29 -9.44 -23.55
CA VAL A 170 -2.99 -8.53 -22.42
C VAL A 170 -4.24 -8.63 -21.52
N ALA A 171 -4.07 -8.26 -20.26
CA ALA A 171 -5.17 -8.18 -19.35
C ALA A 171 -4.77 -7.27 -18.20
N SER A 172 -5.72 -6.55 -17.67
CA SER A 172 -5.52 -5.79 -16.42
C SER A 172 -6.15 -6.72 -15.33
N ASN A 173 -5.43 -6.93 -14.25
CA ASN A 173 -5.91 -7.79 -13.15
C ASN A 173 -5.44 -7.06 -11.87
N PRO A 174 -6.20 -6.03 -11.48
CA PRO A 174 -5.68 -5.22 -10.41
C PRO A 174 -5.56 -5.98 -9.11
N GLU A 175 -4.79 -5.42 -8.22
CA GLU A 175 -4.58 -6.12 -6.92
C GLU A 175 -5.12 -5.25 -5.80
N PHE A 176 -5.58 -5.90 -4.74
CA PHE A 176 -6.28 -5.24 -3.69
C PHE A 176 -5.71 -5.65 -2.33
N LEU A 177 -4.50 -6.19 -2.33
CA LEU A 177 -3.81 -6.67 -1.15
C LEU A 177 -3.58 -5.48 -0.20
N ARG A 178 -3.80 -5.66 1.10
CA ARG A 178 -3.29 -4.67 2.06
C ARG A 178 -2.02 -5.15 2.73
N GLU A 179 -1.09 -4.22 2.89
CA GLU A 179 0.10 -4.55 3.64
C GLU A 179 -0.31 -4.94 5.04
N GLY A 180 0.39 -5.91 5.62
CA GLY A 180 -0.04 -6.38 6.93
C GLY A 180 -1.01 -7.51 6.92
N SER A 181 -1.82 -7.62 5.87
CA SER A 181 -2.65 -8.83 5.74
C SER A 181 -2.61 -9.38 4.25
N ALA A 182 -1.46 -9.26 3.57
CA ALA A 182 -1.46 -9.47 2.12
C ALA A 182 -1.74 -10.97 1.79
N LEU A 183 -1.17 -11.88 2.57
CA LEU A 183 -1.37 -13.33 2.28
C LEU A 183 -2.81 -13.71 2.46
N GLU A 184 -3.41 -13.28 3.58
CA GLU A 184 -4.84 -13.53 3.68
C GLU A 184 -5.66 -12.90 2.54
N ASP A 185 -5.34 -11.66 2.15
CA ASP A 185 -6.12 -11.03 1.05
C ASP A 185 -5.85 -11.72 -0.25
N PHE A 186 -4.64 -12.32 -0.39
CA PHE A 186 -4.34 -13.10 -1.60
C PHE A 186 -5.27 -14.38 -1.67
N PHE A 187 -5.30 -15.16 -0.59
CA PHE A 187 -6.07 -16.45 -0.57
C PHE A 187 -7.53 -16.29 -0.41
N LYS A 188 -7.92 -15.21 0.23
CA LYS A 188 -9.34 -14.95 0.43
C LYS A 188 -9.69 -13.51 0.02
N PRO A 189 -9.58 -13.20 -1.30
CA PRO A 189 -9.90 -11.83 -1.77
C PRO A 189 -11.42 -11.60 -1.68
N ASP A 190 -11.86 -10.35 -1.54
CA ASP A 190 -13.29 -10.07 -1.62
C ASP A 190 -13.77 -10.28 -3.02
N ARG A 191 -12.95 -9.99 -4.06
CA ARG A 191 -13.37 -10.24 -5.42
C ARG A 191 -12.09 -10.23 -6.29
N ILE A 192 -12.16 -10.88 -7.45
CA ILE A 192 -11.07 -10.90 -8.44
C ILE A 192 -11.56 -10.19 -9.67
N VAL A 193 -10.81 -9.18 -10.13
CA VAL A 193 -11.24 -8.40 -11.26
C VAL A 193 -10.30 -8.72 -12.43
N ILE A 194 -10.88 -9.17 -13.53
CA ILE A 194 -10.11 -9.53 -14.70
C ILE A 194 -10.56 -8.66 -15.85
N GLY A 195 -9.71 -7.74 -16.28
CA GLY A 195 -10.02 -6.95 -17.44
C GLY A 195 -9.27 -7.51 -18.63
N ALA A 196 -9.91 -8.41 -19.35
CA ALA A 196 -9.27 -9.19 -20.39
C ALA A 196 -9.30 -8.48 -21.71
N GLY A 197 -8.17 -8.47 -22.39
CA GLY A 197 -8.12 -7.86 -23.71
C GLY A 197 -8.81 -8.80 -24.72
N ASP A 198 -8.95 -10.10 -24.44
CA ASP A 198 -9.75 -11.00 -25.36
C ASP A 198 -10.22 -12.20 -24.58
N GLU A 199 -10.97 -13.11 -25.22
CA GLU A 199 -11.50 -14.30 -24.57
C GLU A 199 -10.44 -15.25 -24.04
N ARG A 200 -9.37 -15.38 -24.78
CA ARG A 200 -8.36 -16.33 -24.39
C ARG A 200 -7.70 -15.83 -23.10
N ALA A 201 -7.48 -14.51 -22.98
CA ALA A 201 -6.96 -13.94 -21.70
C ALA A 201 -7.89 -14.24 -20.52
N ALA A 202 -9.18 -13.95 -20.68
CA ALA A 202 -10.18 -14.20 -19.64
C ALA A 202 -10.23 -15.65 -19.22
N SER A 203 -10.27 -16.55 -20.20
CA SER A 203 -10.30 -17.97 -19.82
C SER A 203 -8.99 -18.41 -19.11
N PHE A 204 -7.83 -17.89 -19.56
CA PHE A 204 -6.56 -18.27 -18.91
C PHE A 204 -6.55 -17.83 -17.42
N LEU A 205 -6.96 -16.59 -17.16
CA LEU A 205 -6.92 -16.09 -15.73
C LEU A 205 -8.00 -16.77 -14.89
N LEU A 206 -9.15 -17.07 -15.48
CA LEU A 206 -10.18 -17.78 -14.70
C LEU A 206 -9.68 -19.17 -14.31
N ASP A 207 -8.91 -19.78 -15.20
CA ASP A 207 -8.18 -21.02 -14.84
C ASP A 207 -7.16 -20.82 -13.71
N VAL A 208 -6.33 -19.79 -13.85
CA VAL A 208 -5.31 -19.52 -12.82
C VAL A 208 -5.99 -19.41 -11.43
N TYR A 209 -7.15 -18.75 -11.38
CA TYR A 209 -7.77 -18.47 -10.10
C TYR A 209 -8.86 -19.49 -9.70
N LYS A 210 -8.93 -20.60 -10.43
CA LYS A 210 -10.02 -21.58 -10.23
C LYS A 210 -10.08 -22.08 -8.79
N ALA A 211 -8.96 -22.26 -8.09
CA ALA A 211 -9.03 -22.73 -6.69
C ALA A 211 -9.37 -21.65 -5.68
N VAL A 212 -9.47 -20.37 -6.10
CA VAL A 212 -9.75 -19.31 -5.12
C VAL A 212 -11.24 -19.11 -5.04
N ASP A 213 -11.83 -19.27 -3.84
CA ASP A 213 -13.29 -19.16 -3.73
C ASP A 213 -13.70 -17.68 -3.56
N ALA A 214 -13.95 -16.97 -4.66
CA ALA A 214 -14.31 -15.52 -4.54
C ALA A 214 -15.03 -15.17 -5.83
N PRO A 215 -15.94 -14.17 -5.83
CA PRO A 215 -16.54 -13.68 -7.08
C PRO A 215 -15.46 -13.18 -8.11
N LYS A 216 -15.60 -13.59 -9.37
CA LYS A 216 -14.62 -13.23 -10.44
C LYS A 216 -15.39 -12.42 -11.45
N LEU A 217 -14.99 -11.19 -11.68
CA LEU A 217 -15.71 -10.33 -12.58
C LEU A 217 -14.87 -10.04 -13.81
N VAL A 218 -15.37 -10.41 -14.97
CA VAL A 218 -14.62 -10.24 -16.18
C VAL A 218 -15.17 -8.99 -16.85
N MET A 219 -14.32 -8.08 -17.25
CA MET A 219 -14.77 -6.79 -17.78
C MET A 219 -13.72 -6.25 -18.74
N LYS A 220 -13.93 -5.09 -19.34
CA LYS A 220 -12.89 -4.49 -20.19
C LYS A 220 -11.65 -4.08 -19.42
N PRO A 221 -10.49 -4.04 -20.07
CA PRO A 221 -9.25 -3.68 -19.38
C PRO A 221 -9.35 -2.27 -18.77
N ARG A 222 -9.97 -1.34 -19.47
CA ARG A 222 -10.16 0.00 -18.94
C ARG A 222 -11.04 0.03 -17.68
N GLU A 223 -12.10 -0.77 -17.66
CA GLU A 223 -12.98 -0.83 -16.51
C GLU A 223 -12.26 -1.38 -15.29
N ALA A 224 -11.53 -2.47 -15.47
CA ALA A 224 -10.70 -3.02 -14.38
C ALA A 224 -9.66 -1.99 -13.87
N GLU A 225 -9.00 -1.22 -14.78
CA GLU A 225 -8.05 -0.23 -14.31
C GLU A 225 -8.75 0.84 -13.51
N LEU A 226 -9.91 1.28 -13.99
CA LEU A 226 -10.68 2.32 -13.23
C LEU A 226 -11.22 1.80 -11.86
N VAL A 227 -11.55 0.50 -11.80
CA VAL A 227 -12.00 -0.08 -10.50
C VAL A 227 -10.96 0.10 -9.45
N LYS A 228 -9.68 -0.08 -9.80
CA LYS A 228 -8.65 0.04 -8.83
C LYS A 228 -8.55 1.47 -8.26
N TYR A 229 -8.58 2.45 -9.17
CA TYR A 229 -8.47 3.86 -8.63
C TYR A 229 -9.77 4.25 -7.87
N ALA A 230 -10.92 3.84 -8.41
CA ALA A 230 -12.18 4.17 -7.74
C ALA A 230 -12.23 3.55 -6.34
N SER A 231 -11.72 2.32 -6.19
CA SER A 231 -11.68 1.71 -4.89
C SER A 231 -10.70 2.45 -3.95
N ASN A 232 -9.45 2.65 -4.38
CA ASN A 232 -8.47 3.24 -3.45
C ASN A 232 -8.82 4.69 -3.11
N VAL A 233 -9.28 5.44 -4.12
CA VAL A 233 -9.66 6.84 -3.83
C VAL A 233 -10.94 6.90 -2.93
N PHE A 234 -11.86 5.97 -3.14
CA PHE A 234 -13.05 5.97 -2.25
C PHE A 234 -12.70 5.66 -0.79
N LEU A 235 -11.76 4.73 -0.57
CA LEU A 235 -11.29 4.50 0.81
C LEU A 235 -10.61 5.74 1.41
N ALA A 236 -9.76 6.38 0.61
CA ALA A 236 -9.12 7.61 1.06
C ALA A 236 -10.18 8.69 1.37
N LEU A 237 -11.26 8.70 0.57
CA LEU A 237 -12.35 9.63 0.74
C LEU A 237 -13.08 9.37 2.06
N LYS A 238 -13.30 8.09 2.40
CA LYS A 238 -13.94 7.82 3.73
C LYS A 238 -13.11 8.36 4.81
N ILE A 239 -11.78 8.15 4.76
CA ILE A 239 -10.89 8.63 5.81
C ILE A 239 -10.97 10.19 5.91
N SER A 240 -10.88 10.87 4.77
CA SER A 240 -10.88 12.34 4.75
C SER A 240 -12.24 12.91 5.15
N PHE A 241 -13.31 12.23 4.73
CA PHE A 241 -14.62 12.59 5.19
C PHE A 241 -14.70 12.48 6.73
N ALA A 242 -14.22 11.37 7.29
CA ALA A 242 -14.23 11.20 8.79
C ALA A 242 -13.42 12.36 9.43
N ASN A 243 -12.37 12.81 8.73
CA ASN A 243 -11.54 13.89 9.28
C ASN A 243 -12.23 15.22 9.17
N GLU A 244 -12.91 15.44 8.05
CA GLU A 244 -13.73 16.69 7.89
C GLU A 244 -14.83 16.75 8.94
N VAL A 245 -15.59 15.67 9.04
CA VAL A 245 -16.62 15.58 10.12
C VAL A 245 -15.95 15.72 11.51
N GLY A 246 -14.75 15.14 11.68
CA GLY A 246 -14.01 15.16 12.95
C GLY A 246 -13.55 16.55 13.40
N LEU A 247 -13.13 17.38 12.43
CA LEU A 247 -12.77 18.75 12.82
C LEU A 247 -13.96 19.45 13.44
N LEU A 248 -15.15 19.20 12.86
CA LEU A 248 -16.37 19.73 13.34
C LEU A 248 -16.80 19.15 14.66
N ALA A 249 -16.69 17.83 14.80
CA ALA A 249 -17.05 17.18 16.07
C ALA A 249 -16.20 17.77 17.20
N LYS A 250 -14.90 17.90 16.94
CA LYS A 250 -13.92 18.43 17.89
C LYS A 250 -14.39 19.87 18.35
N ARG A 251 -14.76 20.75 17.44
CA ARG A 251 -15.30 22.06 17.82
C ARG A 251 -16.56 21.96 18.66
N LEU A 252 -17.31 20.87 18.51
CA LEU A 252 -18.54 20.72 19.22
C LEU A 252 -18.29 20.06 20.56
N GLY A 253 -17.08 19.60 20.80
CA GLY A 253 -16.75 18.82 22.04
C GLY A 253 -17.28 17.43 22.00
N VAL A 254 -17.37 16.83 20.82
CA VAL A 254 -17.97 15.52 20.62
C VAL A 254 -16.95 14.47 20.15
N ASP A 255 -17.30 13.20 20.35
CA ASP A 255 -16.40 12.07 20.04
C ASP A 255 -16.76 11.54 18.61
N THR A 256 -15.91 11.88 17.67
CA THR A 256 -16.17 11.51 16.24
C THR A 256 -16.26 9.98 16.03
N TYR A 257 -15.49 9.21 16.80
CA TYR A 257 -15.58 7.73 16.65
C TYR A 257 -16.91 7.20 17.07
N ARG A 258 -17.49 7.77 18.14
CA ARG A 258 -18.84 7.32 18.50
C ARG A 258 -19.88 7.75 17.43
N VAL A 259 -19.65 8.89 16.79
CA VAL A 259 -20.60 9.34 15.73
C VAL A 259 -20.56 8.29 14.59
N PHE A 260 -19.34 7.94 14.18
CA PHE A 260 -19.23 7.03 12.96
C PHE A 260 -19.57 5.58 13.32
N GLU A 261 -19.55 5.21 14.61
CA GLU A 261 -20.18 3.92 15.02
C GLU A 261 -21.60 3.91 14.62
N ALA A 262 -22.35 4.98 14.91
CA ALA A 262 -23.75 5.03 14.55
C ALA A 262 -23.95 5.20 13.01
N VAL A 263 -23.12 6.05 12.37
CA VAL A 263 -23.26 6.26 10.88
C VAL A 263 -23.10 4.87 10.18
N GLY A 264 -22.06 4.13 10.57
CA GLY A 264 -21.72 2.81 9.92
C GLY A 264 -22.79 1.68 10.07
N LEU A 265 -23.66 1.78 11.08
CA LEU A 265 -24.79 0.77 11.20
C LEU A 265 -25.79 0.89 10.07
N ASP A 266 -25.81 2.05 9.35
CA ASP A 266 -26.72 2.13 8.18
C ASP A 266 -26.34 0.98 7.19
N LYS A 267 -27.32 0.28 6.65
CA LYS A 267 -26.99 -0.84 5.73
C LYS A 267 -26.40 -0.43 4.37
N ARG A 268 -26.50 0.85 4.07
CA ARG A 268 -25.88 1.39 2.85
C ARG A 268 -24.45 1.84 3.01
N ILE A 269 -23.95 1.84 4.22
CA ILE A 269 -22.65 2.45 4.45
C ILE A 269 -21.76 1.42 5.03
N GLY A 270 -20.58 1.20 4.44
CA GLY A 270 -19.55 0.33 5.05
C GLY A 270 -19.07 0.82 6.43
N ARG A 271 -19.03 -0.05 7.45
CA ARG A 271 -18.63 0.55 8.78
C ARG A 271 -17.14 0.85 8.91
N HIS A 272 -16.34 0.32 8.00
CA HIS A 272 -14.91 0.49 8.13
C HIS A 272 -14.36 1.71 7.39
N TYR A 273 -13.17 2.10 7.79
CA TYR A 273 -12.33 3.19 7.17
C TYR A 273 -12.89 4.57 7.50
N PHE A 274 -13.64 4.66 8.62
CA PHE A 274 -13.95 6.02 9.13
C PHE A 274 -13.04 6.31 10.34
N GLY A 275 -11.79 5.85 10.31
CA GLY A 275 -10.89 6.14 11.40
C GLY A 275 -10.23 7.51 11.26
N ALA A 276 -10.90 8.51 11.82
CA ALA A 276 -10.43 9.88 11.77
C ALA A 276 -9.08 9.91 12.47
N GLY A 277 -8.25 10.88 12.13
CA GLY A 277 -6.93 11.04 12.76
C GLY A 277 -5.97 11.76 11.84
N LEU A 278 -4.70 11.36 11.87
CA LEU A 278 -3.68 12.09 11.13
C LEU A 278 -3.76 11.95 9.63
N GLY A 279 -4.60 11.03 9.17
CA GLY A 279 -4.84 10.84 7.71
C GLY A 279 -4.16 9.61 7.18
N PHE A 280 -4.11 9.44 5.86
CA PHE A 280 -3.51 8.17 5.31
C PHE A 280 -2.10 8.44 4.82
N GLY A 281 -1.19 7.47 5.07
CA GLY A 281 0.12 7.52 4.48
C GLY A 281 0.32 6.22 3.67
N GLY A 282 1.56 5.78 3.57
CA GLY A 282 1.88 4.54 2.81
C GLY A 282 2.14 4.92 1.33
N SER A 283 2.58 3.94 0.57
CA SER A 283 2.98 4.19 -0.81
C SER A 283 1.84 4.07 -1.77
N CYS A 284 0.59 3.90 -1.28
CA CYS A 284 -0.51 3.84 -2.23
C CYS A 284 -1.49 4.99 -2.23
N PHE A 285 -2.20 5.20 -1.10
CA PHE A 285 -3.31 6.10 -1.18
C PHE A 285 -2.92 7.55 -1.57
N PRO A 286 -1.87 8.13 -0.95
CA PRO A 286 -1.54 9.53 -1.32
C PRO A 286 -1.23 9.59 -2.82
N LYS A 287 -0.40 8.69 -3.32
CA LYS A 287 0.07 8.87 -4.72
C LYS A 287 -1.02 8.41 -5.71
N ASP A 288 -1.84 7.39 -5.32
CA ASP A 288 -2.95 7.01 -6.29
C ASP A 288 -3.98 8.07 -6.36
N THR A 289 -4.26 8.73 -5.25
CA THR A 289 -5.25 9.79 -5.28
C THR A 289 -4.76 10.97 -6.16
N LEU A 290 -3.50 11.34 -5.96
CA LEU A 290 -2.88 12.40 -6.76
C LEU A 290 -2.85 11.95 -8.26
N ALA A 291 -2.45 10.72 -8.53
CA ALA A 291 -2.49 10.22 -9.95
C ALA A 291 -3.86 10.30 -10.55
N PHE A 292 -4.89 9.97 -9.72
CA PHE A 292 -6.27 10.03 -10.23
C PHE A 292 -6.69 11.41 -10.57
N ILE A 293 -6.30 12.36 -9.70
CA ILE A 293 -6.63 13.76 -9.96
C ILE A 293 -5.95 14.20 -11.30
N ARG A 294 -4.64 13.93 -11.39
CA ARG A 294 -3.81 14.38 -12.56
C ARG A 294 -4.33 13.72 -13.84
N PHE A 295 -4.72 12.45 -13.75
CA PHE A 295 -5.28 11.75 -14.92
C PHE A 295 -6.59 12.40 -15.34
N GLY A 296 -7.53 12.65 -14.41
CA GLY A 296 -8.79 13.32 -14.77
C GLY A 296 -8.49 14.75 -15.34
N GLU A 297 -7.58 15.46 -14.70
CA GLU A 297 -7.31 16.86 -15.17
C GLU A 297 -6.75 16.82 -16.60
N SER A 298 -6.01 15.77 -16.94
CA SER A 298 -5.42 15.56 -18.34
C SER A 298 -6.55 15.35 -19.35
N LEU A 299 -7.75 14.94 -18.89
CA LEU A 299 -8.87 14.87 -19.77
C LEU A 299 -9.80 16.05 -19.63
N GLY A 300 -9.36 17.12 -18.99
CA GLY A 300 -10.19 18.33 -18.84
C GLY A 300 -11.19 18.26 -17.68
N LEU A 301 -11.11 17.27 -16.78
CA LEU A 301 -12.13 17.16 -15.68
C LEU A 301 -11.63 17.86 -14.42
N GLU A 302 -12.57 18.42 -13.63
CA GLU A 302 -12.18 19.18 -12.41
C GLU A 302 -11.70 18.26 -11.25
N MET A 303 -12.33 17.09 -11.07
CA MET A 303 -11.90 16.16 -9.98
C MET A 303 -12.04 16.85 -8.59
N ALA A 304 -13.11 17.58 -8.38
CA ALA A 304 -13.26 18.44 -7.18
C ALA A 304 -13.29 17.62 -5.89
N ILE A 305 -13.98 16.46 -5.91
CA ILE A 305 -13.99 15.66 -4.63
C ILE A 305 -12.66 15.07 -4.34
N SER A 306 -12.04 14.44 -5.35
CA SER A 306 -10.75 13.84 -5.13
C SER A 306 -9.72 14.85 -4.64
N LYS A 307 -9.74 16.08 -5.21
CA LYS A 307 -8.82 17.16 -4.69
C LYS A 307 -9.14 17.49 -3.21
N ALA A 308 -10.41 17.54 -2.88
CA ALA A 308 -10.80 17.84 -1.46
C ALA A 308 -10.29 16.80 -0.54
N VAL A 309 -10.33 15.54 -1.04
CA VAL A 309 -9.82 14.43 -0.24
C VAL A 309 -8.41 14.66 0.16
N LEU A 310 -7.60 15.06 -0.83
CA LEU A 310 -6.17 15.30 -0.55
C LEU A 310 -5.93 16.59 0.25
N ARG A 311 -6.74 17.63 0.01
CA ARG A 311 -6.58 18.86 0.83
C ARG A 311 -6.74 18.54 2.33
N VAL A 312 -7.78 17.80 2.68
CA VAL A 312 -7.99 17.41 4.11
C VAL A 312 -6.82 16.61 4.58
N ASN A 313 -6.36 15.63 3.76
CA ASN A 313 -5.27 14.78 4.23
C ASN A 313 -4.02 15.55 4.49
N GLU A 314 -3.73 16.54 3.63
CA GLU A 314 -2.47 17.25 3.81
C GLU A 314 -2.54 18.17 5.04
N TYR A 315 -3.75 18.59 5.38
CA TYR A 315 -4.00 19.47 6.52
C TYR A 315 -3.80 18.81 7.88
N MET A 316 -4.24 17.54 8.02
CA MET A 316 -4.28 16.92 9.33
C MET A 316 -2.94 16.95 10.11
N PRO A 317 -1.81 16.55 9.49
CA PRO A 317 -0.56 16.57 10.28
C PRO A 317 -0.11 18.01 10.70
N ARG A 318 -0.38 19.00 9.85
CA ARG A 318 -0.12 20.41 10.21
C ARG A 318 -1.03 20.77 11.38
N TYR A 319 -2.29 20.33 11.35
CA TYR A 319 -3.17 20.68 12.45
C TYR A 319 -2.71 20.09 13.78
N ALA A 320 -2.21 18.84 13.73
CA ALA A 320 -1.79 18.13 14.95
C ALA A 320 -0.62 18.93 15.59
N VAL A 321 0.33 19.37 14.76
CA VAL A 321 1.47 20.13 15.23
C VAL A 321 0.97 21.53 15.76
N GLN A 322 -0.01 22.16 15.09
CA GLN A 322 -0.57 23.40 15.59
C GLN A 322 -1.22 23.25 16.98
N LEU A 323 -1.92 22.13 17.20
CA LEU A 323 -2.50 21.88 18.52
C LEU A 323 -1.40 21.77 19.58
N LEU A 324 -0.33 21.02 19.27
CA LEU A 324 0.72 20.81 20.28
C LEU A 324 1.36 22.21 20.64
N GLU A 325 1.69 22.96 19.60
CA GLU A 325 2.26 24.29 19.66
C GLU A 325 1.41 25.27 20.48
N GLU A 326 0.11 25.29 20.27
CA GLU A 326 -0.82 26.05 21.08
C GLU A 326 -0.84 25.62 22.56
N ARG A 327 -0.89 24.30 22.80
CA ARG A 327 -0.92 23.85 24.16
C ARG A 327 0.41 24.09 24.90
N LEU A 328 1.53 24.04 24.21
CA LEU A 328 2.79 24.21 24.92
C LEU A 328 3.26 25.66 24.93
N GLY A 329 2.56 26.53 24.20
CA GLY A 329 2.93 27.93 23.98
C GLY A 329 4.16 28.13 23.13
N GLY A 330 4.27 27.41 22.01
CA GLY A 330 5.43 27.52 21.11
C GLY A 330 6.31 26.30 21.31
N LEU A 331 7.01 25.90 20.24
CA LEU A 331 7.76 24.64 20.23
C LEU A 331 9.29 24.77 20.30
N ARG A 332 9.84 25.96 20.00
CA ARG A 332 11.32 26.17 19.97
C ARG A 332 11.99 25.63 21.23
N GLY A 333 12.94 24.72 21.06
CA GLY A 333 13.73 24.20 22.18
C GLY A 333 12.96 23.20 23.00
N ARG A 334 11.69 22.94 22.66
CA ARG A 334 10.88 22.11 23.55
C ARG A 334 11.12 20.64 23.23
N HIS A 335 10.99 19.77 24.22
CA HIS A 335 11.27 18.39 24.07
C HIS A 335 9.94 17.74 23.73
N VAL A 336 9.83 17.16 22.53
CA VAL A 336 8.53 16.61 22.01
C VAL A 336 8.76 15.25 21.37
N GLY A 337 7.88 14.29 21.66
CA GLY A 337 8.00 12.95 21.11
C GLY A 337 6.98 12.64 20.01
N VAL A 338 7.34 11.69 19.15
CA VAL A 338 6.39 11.15 18.24
C VAL A 338 6.37 9.68 18.52
N LEU A 339 5.20 9.16 18.87
CA LEU A 339 4.94 7.74 19.03
C LEU A 339 4.40 7.17 17.75
N GLY A 340 5.24 6.43 16.99
CA GLY A 340 4.74 5.75 15.79
C GLY A 340 5.36 6.41 14.53
N LEU A 341 6.09 5.63 13.73
CA LEU A 341 6.71 6.12 12.54
C LEU A 341 6.26 5.26 11.36
N ALA A 342 5.99 3.97 11.57
CA ALA A 342 5.43 3.12 10.50
C ALA A 342 4.13 3.76 10.01
N PHE A 343 3.77 3.58 8.74
CA PHE A 343 2.60 4.29 8.17
C PHE A 343 1.28 3.71 8.68
N LYS A 344 1.35 2.49 9.19
CA LYS A 344 0.28 1.91 9.98
C LYS A 344 0.88 0.82 10.88
N PRO A 345 0.07 0.26 11.83
CA PRO A 345 0.62 -0.74 12.73
C PRO A 345 1.02 -2.05 12.03
N ASN A 346 2.02 -2.72 12.60
CA ASN A 346 2.42 -4.01 12.08
C ASN A 346 3.08 -4.01 10.66
N THR A 347 3.92 -3.01 10.45
CA THR A 347 4.79 -3.00 9.27
C THR A 347 5.97 -2.21 9.74
N ASP A 348 7.02 -2.25 8.92
CA ASP A 348 8.18 -1.44 9.21
C ASP A 348 8.34 -0.36 8.11
N ASP A 349 7.40 -0.37 7.20
CA ASP A 349 7.29 0.61 6.11
C ASP A 349 6.99 2.04 6.62
N VAL A 350 7.85 3.01 6.32
CA VAL A 350 7.61 4.43 6.62
C VAL A 350 7.22 5.30 5.41
N ARG A 351 6.92 4.71 4.23
CA ARG A 351 6.70 5.54 3.06
C ARG A 351 5.50 6.44 3.28
N GLU A 352 5.67 7.74 3.01
CA GLU A 352 4.59 8.73 3.22
C GLU A 352 4.03 8.67 4.68
N SER A 353 4.88 8.28 5.64
CA SER A 353 4.38 8.05 7.04
C SER A 353 3.94 9.41 7.59
N ARG A 354 2.77 9.49 8.21
CA ARG A 354 2.36 10.75 8.90
C ARG A 354 3.25 11.07 10.15
N GLY A 355 3.73 10.01 10.81
CA GLY A 355 4.68 10.15 11.95
C GLY A 355 5.94 10.86 11.49
N VAL A 356 6.52 10.42 10.37
CA VAL A 356 7.75 11.09 9.78
C VAL A 356 7.42 12.54 9.44
N GLU A 357 6.27 12.75 8.80
CA GLU A 357 5.83 14.11 8.41
C GLU A 357 5.69 14.99 9.64
N VAL A 358 5.04 14.44 10.69
CA VAL A 358 4.92 15.21 11.96
C VAL A 358 6.33 15.51 12.56
N ALA A 359 7.24 14.54 12.57
CA ALA A 359 8.63 14.77 13.07
C ALA A 359 9.25 15.95 12.29
N ARG A 360 9.13 15.93 10.97
CA ARG A 360 9.67 17.03 10.14
C ARG A 360 9.04 18.36 10.46
N LEU A 361 7.72 18.38 10.57
CA LEU A 361 7.10 19.65 10.98
C LEU A 361 7.60 20.13 12.34
N LEU A 362 7.74 19.20 13.28
CA LEU A 362 8.23 19.59 14.59
C LEU A 362 9.66 20.19 14.47
N LEU A 363 10.51 19.50 13.71
CA LEU A 363 11.91 19.94 13.47
C LEU A 363 11.97 21.31 12.89
N GLU A 364 11.24 21.54 11.82
CA GLU A 364 11.10 22.84 11.21
C GLU A 364 10.60 23.91 12.19
N ARG A 365 9.99 23.52 13.31
CA ARG A 365 9.63 24.52 14.31
C ARG A 365 10.60 24.61 15.51
N GLY A 366 11.79 24.02 15.38
CA GLY A 366 12.82 24.19 16.45
C GLY A 366 12.63 23.31 17.66
N ALA A 367 11.72 22.32 17.57
CA ALA A 367 11.59 21.30 18.63
C ALA A 367 12.76 20.33 18.64
N ARG A 368 13.07 19.86 19.83
CA ARG A 368 13.97 18.74 20.01
C ARG A 368 13.07 17.52 19.98
N VAL A 369 13.21 16.73 18.92
CA VAL A 369 12.30 15.61 18.62
C VAL A 369 12.85 14.23 18.99
N TYR A 370 12.03 13.51 19.73
CA TYR A 370 12.27 12.13 20.08
C TYR A 370 11.26 11.32 19.34
N VAL A 371 11.66 10.15 18.87
CA VAL A 371 10.73 9.25 18.19
C VAL A 371 10.85 7.83 18.68
N HIS A 372 9.76 7.07 18.56
CA HIS A 372 9.79 5.64 18.77
C HIS A 372 8.91 4.93 17.79
N ASP A 373 9.26 3.71 17.44
CA ASP A 373 8.34 2.78 16.77
C ASP A 373 8.75 1.38 17.15
N PRO A 374 7.82 0.46 17.32
CA PRO A 374 8.32 -0.89 17.64
C PRO A 374 9.09 -1.57 16.50
N MET A 375 8.85 -1.21 15.23
CA MET A 375 9.57 -1.86 14.13
C MET A 375 10.30 -0.92 13.18
N ALA A 376 9.82 0.29 12.97
CA ALA A 376 10.24 1.03 11.76
C ALA A 376 11.41 1.97 11.99
N MET A 377 12.13 1.83 13.10
CA MET A 377 13.05 2.94 13.43
C MET A 377 14.25 2.93 12.51
N GLU A 378 14.64 1.76 12.07
CA GLU A 378 15.82 1.66 11.16
C GLU A 378 15.43 2.29 9.84
N LYS A 379 14.25 1.92 9.34
CA LYS A 379 13.77 2.53 8.08
C LYS A 379 13.60 4.03 8.22
N ALA A 380 13.07 4.49 9.38
CA ALA A 380 12.85 5.91 9.57
C ALA A 380 14.21 6.65 9.62
N ARG A 381 15.20 6.06 10.28
CA ARG A 381 16.57 6.64 10.34
C ARG A 381 17.12 6.84 8.93
N ALA A 382 16.88 5.85 8.05
CA ALA A 382 17.23 6.00 6.61
C ALA A 382 16.72 7.33 6.08
N VAL A 383 15.58 7.80 6.59
CA VAL A 383 14.99 9.04 6.15
C VAL A 383 15.33 10.27 7.02
N LEU A 384 15.28 10.13 8.34
CA LEU A 384 15.48 11.27 9.22
C LEU A 384 16.95 11.43 9.71
N GLY A 385 17.78 10.39 9.52
CA GLY A 385 19.16 10.39 10.06
C GLY A 385 19.23 10.85 11.52
N ASP A 386 20.28 11.61 11.83
CA ASP A 386 20.51 12.07 13.18
C ASP A 386 19.68 13.31 13.55
N SER A 387 18.72 13.73 12.71
CA SER A 387 17.97 14.93 13.08
C SER A 387 17.00 14.68 14.31
N VAL A 388 16.73 13.42 14.64
CA VAL A 388 15.94 13.13 15.86
C VAL A 388 16.70 12.16 16.76
N THR A 389 16.29 12.09 18.03
CA THR A 389 16.72 11.02 18.91
C THR A 389 15.79 9.85 18.79
N TYR A 390 16.38 8.66 18.57
CA TYR A 390 15.63 7.42 18.56
C TYR A 390 15.59 6.79 19.95
N VAL A 391 14.39 6.55 20.50
CA VAL A 391 14.23 6.00 21.85
C VAL A 391 13.75 4.55 21.80
N GLU A 392 14.47 3.64 22.45
CA GLU A 392 14.08 2.25 22.35
C GLU A 392 12.80 1.92 23.11
N ASP A 393 12.58 2.60 24.23
CA ASP A 393 11.43 2.24 25.14
C ASP A 393 10.38 3.38 25.05
N PRO A 394 9.16 3.07 24.61
CA PRO A 394 8.17 4.17 24.39
C PRO A 394 7.80 4.87 25.70
N GLN A 395 7.82 4.13 26.84
CA GLN A 395 7.55 4.76 28.15
C GLN A 395 8.64 5.75 28.49
N ALA A 396 9.88 5.32 28.22
CA ALA A 396 11.04 6.15 28.43
C ALA A 396 10.95 7.40 27.56
N LEU A 397 10.41 7.23 26.34
CA LEU A 397 10.19 8.44 25.47
C LEU A 397 9.17 9.38 26.17
N LEU A 398 8.04 8.86 26.65
CA LEU A 398 7.05 9.73 27.32
C LEU A 398 7.64 10.48 28.52
N ASP A 399 8.49 9.77 29.25
CA ASP A 399 9.08 10.28 30.53
C ASP A 399 10.04 11.40 30.25
N GLN A 400 10.62 11.39 29.04
CA GLN A 400 11.57 12.44 28.62
C GLN A 400 10.99 13.66 27.94
N VAL A 401 9.75 13.59 27.41
CA VAL A 401 9.27 14.75 26.63
C VAL A 401 8.22 15.55 27.39
N GLU A 402 8.03 16.80 27.04
CA GLU A 402 6.91 17.59 27.60
C GLU A 402 5.57 17.28 26.88
N GLY A 403 5.66 17.13 25.56
CA GLY A 403 4.46 16.90 24.72
C GLY A 403 4.70 15.75 23.75
N VAL A 404 3.63 15.10 23.35
CA VAL A 404 3.80 13.96 22.47
C VAL A 404 2.64 13.93 21.42
N ILE A 405 2.94 13.42 20.24
CA ILE A 405 1.91 13.20 19.22
C ILE A 405 1.96 11.74 18.91
N ILE A 406 0.80 11.11 19.04
CA ILE A 406 0.64 9.70 18.75
C ILE A 406 0.29 9.58 17.26
N ALA A 407 1.15 8.94 16.47
CA ALA A 407 0.99 8.93 15.02
C ALA A 407 0.73 7.55 14.42
N THR A 408 0.91 6.47 15.19
CA THR A 408 0.51 5.14 14.75
C THR A 408 0.04 4.36 15.99
N ALA A 409 -1.14 3.80 15.93
CA ALA A 409 -1.75 3.16 17.12
C ALA A 409 -1.17 1.74 17.24
N TRP A 410 0.13 1.62 17.55
CA TRP A 410 0.71 0.27 17.85
C TRP A 410 -0.03 -0.23 19.12
N PRO A 411 -0.50 -1.51 19.17
CA PRO A 411 -1.18 -2.04 20.38
C PRO A 411 -0.38 -1.78 21.66
N GLN A 412 0.96 -1.84 21.63
CA GLN A 412 1.66 -1.56 22.89
C GLN A 412 1.46 -0.12 23.41
N TYR A 413 1.01 0.77 22.57
CA TYR A 413 0.77 2.15 22.99
C TYR A 413 -0.44 2.30 23.92
N GLU A 414 -1.38 1.39 23.82
CA GLU A 414 -2.60 1.43 24.60
C GLU A 414 -2.34 1.25 26.10
N GLY A 415 -1.22 0.63 26.43
CA GLY A 415 -0.88 0.34 27.80
C GLY A 415 0.11 1.26 28.45
N LEU A 416 0.44 2.37 27.80
CA LEU A 416 1.44 3.23 28.36
C LEU A 416 0.87 4.20 29.46
N ASP A 417 1.77 4.91 30.15
CA ASP A 417 1.34 5.81 31.22
C ASP A 417 1.49 7.22 30.71
N TYR A 418 0.39 7.83 30.33
CA TYR A 418 0.41 9.16 29.75
C TYR A 418 0.13 10.24 30.78
N ARG A 419 0.09 9.88 32.06
CA ARG A 419 -0.31 10.84 33.09
C ARG A 419 0.66 12.00 33.18
N GLY A 420 0.13 13.20 33.27
CA GLY A 420 0.94 14.38 33.42
C GLY A 420 1.50 14.87 32.11
N LYS A 421 1.15 14.21 31.01
CA LYS A 421 1.76 14.62 29.74
C LYS A 421 0.76 15.44 28.91
N VAL A 422 1.27 16.17 27.93
CA VAL A 422 0.45 16.87 26.95
C VAL A 422 0.44 15.97 25.70
N VAL A 423 -0.74 15.47 25.29
CA VAL A 423 -0.79 14.49 24.25
C VAL A 423 -1.72 15.05 23.19
N VAL A 424 -1.25 15.01 21.95
CA VAL A 424 -2.09 15.28 20.75
C VAL A 424 -2.23 13.88 20.14
N ASP A 425 -3.43 13.33 20.21
CA ASP A 425 -3.66 11.96 19.80
C ASP A 425 -4.09 11.91 18.32
N GLY A 426 -3.23 11.32 17.49
CA GLY A 426 -3.57 11.32 16.04
C GLY A 426 -4.24 10.10 15.55
N ARG A 427 -4.36 9.11 16.45
CA ARG A 427 -4.90 7.79 16.10
C ARG A 427 -5.98 7.18 17.01
N TYR A 428 -6.51 7.92 17.97
CA TYR A 428 -7.50 7.38 18.92
C TYR A 428 -7.01 6.27 19.83
N VAL A 429 -6.23 6.63 20.84
CA VAL A 429 -5.85 5.70 21.89
C VAL A 429 -6.56 6.06 23.20
N LYS A 430 -7.48 5.21 23.64
CA LYS A 430 -8.42 5.51 24.75
C LYS A 430 -7.67 5.84 26.06
N LYS A 431 -6.61 5.07 26.32
CA LYS A 431 -5.77 5.28 27.51
C LYS A 431 -5.13 6.66 27.60
N ALA A 432 -4.87 7.31 26.47
CA ALA A 432 -4.19 8.61 26.44
C ALA A 432 -5.00 9.75 27.06
N ARG A 433 -6.30 9.53 27.23
CA ARG A 433 -7.20 10.49 27.83
C ARG A 433 -6.83 10.82 29.29
N GLU A 434 -6.05 9.94 29.89
CA GLU A 434 -5.52 10.13 31.23
C GLU A 434 -4.48 11.24 31.31
N ALA A 435 -4.01 11.71 30.17
CA ALA A 435 -3.00 12.79 30.04
C ALA A 435 -3.38 14.05 30.77
N LYS A 436 -2.43 14.91 31.10
CA LYS A 436 -2.82 16.25 31.68
C LYS A 436 -3.63 17.08 30.68
N ILE A 437 -3.15 17.10 29.43
CA ILE A 437 -3.92 17.78 28.35
C ILE A 437 -4.08 16.70 27.20
N TYR A 438 -5.31 16.36 26.84
CA TYR A 438 -5.58 15.44 25.76
C TYR A 438 -6.20 16.25 24.61
N GLU A 439 -5.54 16.31 23.45
CA GLU A 439 -6.16 16.89 22.28
C GLU A 439 -6.32 15.79 21.19
N GLY A 440 -7.53 15.41 20.86
CA GLY A 440 -7.76 14.53 19.69
C GLY A 440 -7.52 15.35 18.42
N VAL A 441 -6.89 14.75 17.42
CA VAL A 441 -6.58 15.51 16.20
C VAL A 441 -7.89 15.82 15.47
N ALA A 442 -8.91 14.94 15.60
CA ALA A 442 -10.15 15.09 14.86
C ALA A 442 -11.31 14.62 15.69
N TRP A 443 -11.23 14.84 16.99
CA TRP A 443 -12.37 14.57 17.86
C TRP A 443 -12.07 15.33 19.15
N ALA A 444 -13.09 15.45 19.99
CA ALA A 444 -12.85 15.92 21.38
C ALA A 444 -12.62 14.72 22.26
#